data_8SJJ
#
_entry.id   8SJJ
#
_cell.length_a   34.934
_cell.length_b   50.811
_cell.length_c   91.558
_cell.angle_alpha   90.00
_cell.angle_beta   94.36
_cell.angle_gamma   90.00
#
_symmetry.space_group_name_H-M   'P 1 21 1'
#
loop_
_entity.id
_entity.type
_entity.pdbx_description
1 polymer Septin-14
2 polymer 'Septin 7'
3 non-polymer 'SODIUM ION'
4 non-polymer DI(HYDROXYETHYL)ETHER
5 water water
#
loop_
_entity_poly.entity_id
_entity_poly.type
_entity_poly.pdbx_seq_one_letter_code
_entity_poly.pdbx_strand_id
1 'polypeptide(L)' GSHMWQREEEELKQRFMQRVKEKEATFKEAEKELQDKFEHLKMIQQEEIRKLEEEKKQLEGEIIDFYKMKAASEA A,B
2 'polypeptide(L)'
;GSHMAQMEEERREHVAKMKKMEMEMEQVFEMKVKEKVQKLKDSEAELQRRHEQMKKNLEAQHKELEEKRRQFEDEKANWE
AQQRILEQ
;
C,D
#
# COMPACT_ATOMS: atom_id res chain seq x y z
N GLY A 1 -29.83 12.96 31.70
CA GLY A 1 -31.12 12.27 31.61
C GLY A 1 -31.39 11.71 30.23
N SER A 2 -32.65 11.37 29.97
CA SER A 2 -33.15 10.77 28.75
C SER A 2 -32.83 11.52 27.43
N HIS A 3 -32.89 12.85 27.40
CA HIS A 3 -32.56 13.61 26.19
C HIS A 3 -31.06 13.62 25.96
N MET A 4 -30.27 13.79 27.02
CA MET A 4 -28.80 13.74 26.89
C MET A 4 -28.37 12.35 26.38
N TRP A 5 -29.03 11.29 26.84
CA TRP A 5 -28.71 9.93 26.38
C TRP A 5 -29.04 9.73 24.93
N GLN A 6 -30.17 10.30 24.48
CA GLN A 6 -30.55 10.24 23.07
C GLN A 6 -29.53 11.06 22.26
N ARG A 7 -29.15 12.24 22.73
CA ARG A 7 -28.13 13.05 22.04
C ARG A 7 -26.81 12.33 21.89
N GLU A 8 -26.40 11.56 22.90
CA GLU A 8 -25.17 10.78 22.85
C GLU A 8 -25.18 9.74 21.71
N GLU A 9 -26.34 9.10 21.48
CA GLU A 9 -26.54 8.16 20.40
C GLU A 9 -26.32 8.83 19.06
N GLU A 10 -26.99 9.98 18.86
CA GLU A 10 -26.97 10.80 17.66
C GLU A 10 -25.56 11.30 17.38
N GLU A 11 -24.83 11.75 18.43
CA GLU A 11 -23.45 12.23 18.25
C GLU A 11 -22.57 11.09 17.69
N LEU A 12 -22.73 9.87 18.21
CA LEU A 12 -21.98 8.71 17.74
C LEU A 12 -22.37 8.36 16.28
N LYS A 13 -23.67 8.37 15.95
CA LYS A 13 -24.16 8.11 14.60
C LYS A 13 -23.65 9.18 13.63
N GLN A 14 -23.57 10.44 14.09
CA GLN A 14 -23.06 11.52 13.27
C GLN A 14 -21.55 11.40 13.07
N ARG A 15 -20.84 10.88 14.08
CA ARG A 15 -19.40 10.67 14.04
C ARG A 15 -19.07 9.67 12.94
N PHE A 16 -19.73 8.50 12.95
CA PHE A 16 -19.51 7.49 11.92
C PHE A 16 -19.89 7.98 10.57
N MET A 17 -20.99 8.73 10.46
CA MET A 17 -21.41 9.31 9.18
C MET A 17 -20.29 10.15 8.55
N GLN A 18 -19.69 11.05 9.35
CA GLN A 18 -18.61 11.93 8.90
C GLN A 18 -17.30 11.14 8.63
N ARG A 19 -17.01 10.16 9.46
CA ARG A 19 -15.84 9.30 9.30
C ARG A 19 -15.90 8.53 7.96
N VAL A 20 -17.05 7.94 7.64
CA VAL A 20 -17.25 7.23 6.38
C VAL A 20 -17.14 8.20 5.18
N LYS A 21 -17.67 9.42 5.35
CA LYS A 21 -17.63 10.48 4.34
C LYS A 21 -16.21 10.92 3.99
N GLU A 22 -15.35 11.12 4.99
CA GLU A 22 -13.95 11.51 4.78
C GLU A 22 -13.17 10.38 4.15
N LYS A 23 -13.49 9.12 4.53
CA LYS A 23 -12.85 7.94 3.97
CA LYS A 23 -12.84 7.96 3.96
C LYS A 23 -13.21 7.82 2.49
N GLU A 24 -14.47 8.14 2.13
CA GLU A 24 -14.98 8.10 0.78
C GLU A 24 -14.32 9.19 -0.06
N ALA A 25 -14.06 10.37 0.52
CA ALA A 25 -13.40 11.44 -0.21
C ALA A 25 -11.94 11.08 -0.53
N THR A 26 -11.27 10.26 0.30
CA THR A 26 -9.90 9.84 0.01
C THR A 26 -9.88 8.79 -1.11
N PHE A 27 -10.85 7.87 -1.08
CA PHE A 27 -10.93 6.85 -2.11
C PHE A 27 -11.28 7.44 -3.46
N LYS A 28 -12.21 8.40 -3.49
CA LYS A 28 -12.58 9.09 -4.73
C LYS A 28 -11.36 9.81 -5.36
N GLU A 29 -10.50 10.42 -4.53
CA GLU A 29 -9.30 11.11 -5.00
C GLU A 29 -8.24 10.13 -5.50
N ALA A 30 -8.09 8.98 -4.81
CA ALA A 30 -7.13 7.97 -5.25
C ALA A 30 -7.56 7.38 -6.59
N GLU A 31 -8.88 7.21 -6.81
CA GLU A 31 -9.43 6.74 -8.09
C GLU A 31 -9.22 7.80 -9.17
N LYS A 32 -9.36 9.08 -8.82
CA LYS A 32 -9.16 10.20 -9.74
C LYS A 32 -7.70 10.23 -10.24
N GLU A 33 -6.73 10.12 -9.32
CA GLU A 33 -5.30 10.09 -9.64
C GLU A 33 -4.99 8.91 -10.56
N LEU A 34 -5.56 7.75 -10.23
CA LEU A 34 -5.43 6.53 -10.99
C LEU A 34 -5.95 6.69 -12.43
N GLN A 35 -7.14 7.31 -12.56
CA GLN A 35 -7.71 7.54 -13.88
C GLN A 35 -6.87 8.53 -14.67
N ASP A 36 -6.32 9.60 -14.04
CA ASP A 36 -5.51 10.57 -14.77
C ASP A 36 -4.23 9.89 -15.28
N LYS A 37 -3.60 9.07 -14.45
CA LYS A 37 -2.30 8.45 -14.81
C LYS A 37 -2.48 7.60 -16.05
N PHE A 38 -3.54 6.79 -16.06
CA PHE A 38 -3.81 5.87 -17.19
C PHE A 38 -4.43 6.62 -18.39
N GLU A 39 -5.09 7.74 -18.17
CA GLU A 39 -5.59 8.53 -19.32
C GLU A 39 -4.38 9.11 -20.05
N HIS A 40 -3.40 9.60 -19.30
CA HIS A 40 -2.15 10.15 -19.84
C HIS A 40 -1.48 9.09 -20.75
N LEU A 41 -1.28 7.86 -20.22
CA LEU A 41 -0.65 6.76 -20.97
C LEU A 41 -1.50 6.38 -22.18
N LYS A 42 -2.84 6.46 -22.08
CA LYS A 42 -3.68 6.16 -23.23
C LYS A 42 -3.49 7.17 -24.37
N MET A 43 -3.43 8.48 -24.07
CA MET A 43 -3.24 9.52 -25.11
C MET A 43 -1.98 9.26 -25.93
N ILE A 44 -0.85 8.95 -25.23
CA ILE A 44 0.43 8.65 -25.82
C ILE A 44 0.29 7.51 -26.82
N GLN A 45 -0.37 6.42 -26.41
CA GLN A 45 -0.57 5.27 -27.28
C GLN A 45 -1.52 5.59 -28.46
N GLN A 46 -2.49 6.51 -28.28
CA GLN A 46 -3.39 6.88 -29.40
C GLN A 46 -2.66 7.72 -30.47
N GLU A 47 -1.61 8.46 -30.07
CA GLU A 47 -0.78 9.22 -30.98
C GLU A 47 0.19 8.28 -31.73
N GLU A 48 0.68 7.24 -31.04
CA GLU A 48 1.52 6.19 -31.60
C GLU A 48 0.71 5.48 -32.68
N ILE A 49 -0.57 5.16 -32.41
CA ILE A 49 -1.45 4.50 -33.40
C ILE A 49 -1.56 5.33 -34.70
N ARG A 50 -1.77 6.65 -34.57
CA ARG A 50 -1.92 7.51 -35.73
C ARG A 50 -0.61 7.70 -36.48
N LYS A 51 0.52 7.74 -35.77
CA LYS A 51 1.83 7.83 -36.42
C LYS A 51 2.10 6.52 -37.21
N LEU A 52 1.73 5.38 -36.65
CA LEU A 52 1.90 4.07 -37.28
C LEU A 52 1.04 3.97 -38.53
N GLU A 53 -0.19 4.45 -38.46
CA GLU A 53 -1.10 4.48 -39.60
C GLU A 53 -0.56 5.36 -40.74
N GLU A 54 0.03 6.49 -40.36
CA GLU A 54 0.63 7.45 -41.27
C GLU A 54 1.88 6.87 -41.95
N GLU A 55 2.67 6.08 -41.19
CA GLU A 55 3.88 5.40 -41.69
C GLU A 55 3.49 4.31 -42.65
N LYS A 56 2.43 3.55 -42.34
CA LYS A 56 1.91 2.49 -43.20
C LYS A 56 1.47 3.07 -44.53
N LYS A 57 0.76 4.21 -44.48
CA LYS A 57 0.27 4.90 -45.67
C LYS A 57 1.46 5.40 -46.51
N GLN A 58 2.52 5.88 -45.87
CA GLN A 58 3.70 6.36 -46.58
C GLN A 58 4.44 5.20 -47.28
N LEU A 59 4.58 4.07 -46.58
CA LEU A 59 5.22 2.89 -47.16
C LEU A 59 4.37 2.38 -48.36
N GLU A 60 3.03 2.42 -48.23
CA GLU A 60 2.16 2.00 -49.34
C GLU A 60 2.37 2.86 -50.58
N GLY A 61 2.54 4.16 -50.39
CA GLY A 61 2.81 5.07 -51.49
C GLY A 61 4.16 4.81 -52.14
N GLU A 62 5.19 4.48 -51.33
CA GLU A 62 6.52 4.15 -51.89
C GLU A 62 6.46 2.87 -52.72
N ILE A 63 5.72 1.88 -52.24
CA ILE A 63 5.54 0.61 -52.94
C ILE A 63 4.84 0.84 -54.27
N ILE A 64 3.81 1.74 -54.31
CA ILE A 64 3.13 2.07 -55.57
C ILE A 64 4.14 2.65 -56.55
N ASP A 65 4.95 3.64 -56.12
CA ASP A 65 5.94 4.28 -56.98
C ASP A 65 6.93 3.27 -57.51
N PHE A 66 7.40 2.34 -56.63
CA PHE A 66 8.36 1.32 -57.02
C PHE A 66 7.78 0.33 -58.06
N TYR A 67 6.58 -0.18 -57.81
CA TYR A 67 5.93 -1.11 -58.73
C TYR A 67 5.62 -0.47 -60.06
N LYS A 68 5.19 0.80 -60.03
CA LYS A 68 4.87 1.52 -61.27
C LYS A 68 6.15 1.72 -62.10
N MET A 69 7.29 1.94 -61.43
CA MET A 69 8.59 2.12 -62.08
C MET A 69 9.06 0.79 -62.70
N LYS A 70 8.87 -0.34 -62.01
CA LYS A 70 9.23 -1.66 -62.52
C LYS A 70 8.44 -2.00 -63.80
N ALA A 71 7.16 -1.64 -63.80
CA ALA A 71 6.29 -1.91 -64.95
C ALA A 71 6.72 -1.02 -66.12
N ALA A 72 7.05 0.25 -65.84
CA ALA A 72 7.47 1.23 -66.84
C ALA A 72 8.91 1.09 -67.31
N SER A 73 9.74 0.31 -66.60
CA SER A 73 11.16 0.11 -66.93
C SER A 73 11.35 -0.95 -68.01
N GLU A 74 10.66 -2.08 -67.90
CA GLU A 74 10.80 -3.15 -68.87
C GLU A 74 9.53 -3.98 -68.96
N SER B 2 -24.33 -8.66 46.79
CA SER B 2 -25.00 -9.31 45.64
C SER B 2 -24.79 -8.45 44.39
N HIS B 3 -25.19 -7.18 44.45
CA HIS B 3 -24.92 -6.26 43.32
C HIS B 3 -23.41 -6.04 43.23
N MET B 4 -22.73 -5.82 44.35
CA MET B 4 -21.28 -5.70 44.28
C MET B 4 -20.63 -6.94 43.66
N TRP B 5 -21.09 -8.14 44.02
CA TRP B 5 -20.53 -9.38 43.50
C TRP B 5 -20.92 -9.65 42.05
N GLN B 6 -22.15 -9.26 41.65
CA GLN B 6 -22.53 -9.35 40.25
C GLN B 6 -21.71 -8.33 39.43
N ARG B 7 -21.43 -7.14 40.00
CA ARG B 7 -20.60 -6.14 39.35
CA ARG B 7 -20.60 -6.15 39.34
C ARG B 7 -19.15 -6.64 39.23
N GLU B 8 -18.68 -7.43 40.21
CA GLU B 8 -17.34 -8.00 40.17
C GLU B 8 -17.23 -9.05 39.05
N GLU B 9 -18.31 -9.83 38.83
CA GLU B 9 -18.35 -10.78 37.72
C GLU B 9 -18.30 -10.05 36.40
N GLU B 10 -19.13 -8.99 36.24
CA GLU B 10 -19.13 -8.26 34.96
C GLU B 10 -17.81 -7.56 34.67
N GLU B 11 -17.05 -7.21 35.72
CA GLU B 11 -15.74 -6.56 35.66
C GLU B 11 -14.72 -7.54 35.13
N LEU B 12 -14.76 -8.78 35.61
CA LEU B 12 -13.84 -9.80 35.17
C LEU B 12 -14.16 -10.18 33.68
N LYS B 13 -15.45 -10.18 33.28
CA LYS B 13 -15.82 -10.48 31.89
C LYS B 13 -15.43 -9.33 30.96
N GLN B 14 -15.54 -8.06 31.46
CA GLN B 14 -15.08 -6.95 30.63
C GLN B 14 -13.50 -6.94 30.57
N ARG B 15 -12.81 -7.50 31.59
CA ARG B 15 -11.36 -7.62 31.56
C ARG B 15 -11.00 -8.68 30.49
N PHE B 16 -11.70 -9.81 30.49
CA PHE B 16 -11.50 -10.86 29.51
C PHE B 16 -11.74 -10.34 28.06
N MET B 17 -12.79 -9.56 27.84
CA MET B 17 -13.07 -8.99 26.51
C MET B 17 -11.98 -7.99 26.09
N GLN B 18 -11.38 -7.28 27.03
CA GLN B 18 -10.30 -6.33 26.73
C GLN B 18 -9.00 -7.06 26.41
N ARG B 19 -8.73 -8.17 27.11
CA ARG B 19 -7.55 -8.99 26.93
C ARG B 19 -7.62 -9.63 25.52
N VAL B 20 -8.82 -10.09 25.09
CA VAL B 20 -9.03 -10.67 23.77
C VAL B 20 -8.84 -9.60 22.69
N LYS B 21 -9.31 -8.38 22.95
CA LYS B 21 -9.19 -7.28 21.97
C LYS B 21 -7.72 -6.93 21.74
N GLU B 22 -6.95 -6.76 22.82
CA GLU B 22 -5.54 -6.41 22.67
C GLU B 22 -4.82 -7.52 21.87
N LYS B 23 -5.14 -8.79 22.14
CA LYS B 23 -4.53 -9.91 21.45
C LYS B 23 -4.88 -9.93 19.97
N GLU B 24 -6.14 -9.64 19.64
CA GLU B 24 -6.57 -9.63 18.25
C GLU B 24 -5.92 -8.48 17.49
N ALA B 25 -5.63 -7.36 18.15
CA ALA B 25 -4.95 -6.24 17.52
C ALA B 25 -3.51 -6.66 17.19
N THR B 26 -2.87 -7.44 18.05
CA THR B 26 -1.48 -7.90 17.79
CA THR B 26 -1.48 -7.93 17.80
C THR B 26 -1.42 -8.83 16.55
N PHE B 27 -2.39 -9.72 16.48
CA PHE B 27 -2.40 -10.68 15.34
C PHE B 27 -2.85 -9.98 14.04
N LYS B 28 -3.62 -8.90 14.14
CA LYS B 28 -4.01 -8.10 12.94
C LYS B 28 -2.78 -7.36 12.41
N GLU B 29 -1.94 -6.83 13.30
CA GLU B 29 -0.73 -6.17 12.84
C GLU B 29 0.23 -7.22 12.23
N ALA B 30 0.37 -8.41 12.85
CA ALA B 30 1.23 -9.48 12.29
C ALA B 30 0.72 -9.94 10.92
N GLU B 31 -0.62 -10.02 10.78
CA GLU B 31 -1.23 -10.41 9.51
C GLU B 31 -0.90 -9.35 8.45
N LYS B 32 -0.89 -8.05 8.83
CA LYS B 32 -0.51 -7.00 7.89
C LYS B 32 0.95 -7.22 7.43
N GLU B 33 1.86 -7.44 8.36
CA GLU B 33 3.27 -7.70 8.02
C GLU B 33 3.44 -8.90 7.08
N LEU B 34 2.69 -9.99 7.28
CA LEU B 34 2.80 -11.17 6.40
C LEU B 34 2.26 -10.85 5.00
N GLN B 35 1.16 -10.09 4.95
CA GLN B 35 0.55 -9.67 3.69
C GLN B 35 1.54 -8.79 2.91
N ASP B 36 2.19 -7.81 3.58
CA ASP B 36 3.16 -6.94 2.95
C ASP B 36 4.33 -7.75 2.38
N LYS B 37 4.81 -8.71 3.17
CA LYS B 37 5.99 -9.52 2.78
C LYS B 37 5.73 -10.23 1.47
N PHE B 38 4.60 -10.90 1.36
CA PHE B 38 4.35 -11.74 0.17
C PHE B 38 3.78 -10.92 -0.99
N GLU B 39 3.15 -9.78 -0.71
CA GLU B 39 2.69 -8.86 -1.78
C GLU B 39 3.93 -8.34 -2.51
N HIS B 40 5.02 -8.13 -1.78
CA HIS B 40 6.30 -7.70 -2.33
C HIS B 40 6.90 -8.80 -3.22
N LEU B 41 7.01 -10.04 -2.72
CA LEU B 41 7.50 -11.14 -3.54
C LEU B 41 6.60 -11.39 -4.77
N LYS B 42 5.28 -11.22 -4.62
CA LYS B 42 4.32 -11.37 -5.71
C LYS B 42 4.50 -10.31 -6.80
N MET B 43 4.76 -9.02 -6.41
CA MET B 43 4.98 -7.93 -7.37
C MET B 43 6.22 -8.26 -8.21
N ILE B 44 7.30 -8.69 -7.55
CA ILE B 44 8.54 -9.06 -8.20
C ILE B 44 8.31 -10.20 -9.19
N GLN B 45 7.59 -11.22 -8.77
CA GLN B 45 7.28 -12.35 -9.63
C GLN B 45 6.40 -11.97 -10.82
N GLN B 46 5.45 -11.06 -10.63
CA GLN B 46 4.61 -10.59 -11.71
C GLN B 46 5.41 -9.79 -12.75
N GLU B 47 6.46 -9.07 -12.31
CA GLU B 47 7.33 -8.38 -13.25
C GLU B 47 8.25 -9.38 -13.97
N GLU B 48 8.67 -10.46 -13.26
CA GLU B 48 9.49 -11.52 -13.80
C GLU B 48 8.72 -12.25 -14.91
N ILE B 49 7.42 -12.59 -14.69
CA ILE B 49 6.57 -13.21 -15.72
C ILE B 49 6.47 -12.30 -16.95
N ARG B 50 6.20 -11.01 -16.71
CA ARG B 50 6.07 -10.00 -17.76
C ARG B 50 7.35 -9.85 -18.59
N LYS B 51 8.51 -9.93 -17.91
CA LYS B 51 9.81 -9.84 -18.60
C LYS B 51 10.06 -11.09 -19.46
N LEU B 52 9.71 -12.27 -18.90
CA LEU B 52 9.86 -13.57 -19.56
C LEU B 52 9.00 -13.62 -20.80
N GLU B 53 7.78 -13.08 -20.75
CA GLU B 53 6.91 -13.02 -21.90
C GLU B 53 7.42 -12.11 -23.02
N GLU B 54 8.03 -10.96 -22.64
CA GLU B 54 8.60 -10.01 -23.60
C GLU B 54 9.78 -10.67 -24.30
N GLU B 55 10.61 -11.42 -23.56
CA GLU B 55 11.75 -12.12 -24.10
C GLU B 55 11.35 -13.25 -25.05
N LYS B 56 10.27 -13.99 -24.72
CA LYS B 56 9.79 -15.06 -25.58
C LYS B 56 9.28 -14.47 -26.89
N LYS B 57 8.57 -13.32 -26.82
CA LYS B 57 8.05 -12.66 -28.02
C LYS B 57 9.18 -12.02 -28.86
N GLN B 58 10.24 -11.53 -28.20
CA GLN B 58 11.39 -10.99 -28.88
C GLN B 58 12.11 -12.12 -29.70
N LEU B 59 12.26 -13.29 -29.09
CA LEU B 59 12.90 -14.43 -29.75
C LEU B 59 11.99 -14.92 -30.91
N GLU B 60 10.67 -14.95 -30.69
CA GLU B 60 9.74 -15.32 -31.75
C GLU B 60 9.84 -14.37 -32.99
N GLY B 61 9.91 -13.06 -32.76
CA GLY B 61 10.07 -12.10 -33.86
C GLY B 61 11.38 -12.28 -34.62
N GLU B 62 12.46 -12.61 -33.89
CA GLU B 62 13.76 -12.86 -34.52
C GLU B 62 13.76 -14.13 -35.36
N ILE B 63 13.09 -15.21 -34.89
CA ILE B 63 12.97 -16.48 -35.62
C ILE B 63 12.17 -16.21 -36.88
N ILE B 64 11.09 -15.39 -36.78
CA ILE B 64 10.29 -14.97 -37.95
C ILE B 64 11.20 -14.26 -38.96
N ASP B 65 11.98 -13.25 -38.51
CA ASP B 65 12.84 -12.49 -39.40
C ASP B 65 13.85 -13.41 -40.08
N PHE B 66 14.45 -14.32 -39.33
CA PHE B 66 15.43 -15.28 -39.87
C PHE B 66 14.83 -16.23 -40.93
N TYR B 67 13.68 -16.83 -40.63
CA TYR B 67 13.05 -17.78 -41.54
C TYR B 67 12.50 -17.05 -42.76
N LYS B 68 11.98 -15.82 -42.61
CA LYS B 68 11.51 -15.06 -43.78
C LYS B 68 12.73 -14.67 -44.64
N MET B 69 13.86 -14.32 -44.01
CA MET B 69 15.11 -13.99 -44.73
C MET B 69 15.68 -15.22 -45.49
N LYS B 70 15.55 -16.44 -44.95
CA LYS B 70 16.06 -17.64 -45.64
C LYS B 70 15.21 -17.93 -46.86
N ALA B 71 13.88 -17.86 -46.71
CA ALA B 71 13.00 -18.17 -47.85
C ALA B 71 13.19 -17.15 -48.97
N ALA B 72 13.39 -15.88 -48.61
CA ALA B 72 13.59 -14.81 -49.58
C ALA B 72 14.91 -14.94 -50.34
N SER B 73 15.99 -15.31 -49.62
CA SER B 73 17.32 -15.46 -50.21
C SER B 73 17.44 -16.53 -51.30
N GLU B 74 16.65 -17.61 -51.20
CA GLU B 74 16.68 -18.66 -52.21
C GLU B 74 15.79 -18.38 -53.43
N ALA B 75 14.96 -17.32 -53.39
CA ALA B 75 14.04 -17.00 -54.47
C ALA B 75 14.72 -16.10 -55.47
N GLY C 1 -35.51 8.45 45.12
CA GLY C 1 -36.61 7.53 45.34
C GLY C 1 -36.83 6.57 44.19
N SER C 2 -38.08 6.11 44.00
CA SER C 2 -38.38 5.14 42.93
C SER C 2 -38.10 5.65 41.53
N HIS C 3 -38.21 6.97 41.31
CA HIS C 3 -37.89 7.56 40.02
C HIS C 3 -36.37 7.63 39.85
N MET C 4 -35.61 7.92 40.93
CA MET C 4 -34.15 7.96 40.85
C MET C 4 -33.59 6.57 40.52
N ALA C 5 -34.16 5.53 41.15
CA ALA C 5 -33.74 4.15 40.90
C ALA C 5 -34.09 3.72 39.47
N GLN C 6 -35.23 4.18 38.94
CA GLN C 6 -35.65 3.87 37.58
C GLN C 6 -34.69 4.52 36.60
N MET C 7 -34.35 5.80 36.83
CA MET C 7 -33.42 6.56 36.01
C MET C 7 -32.00 6.03 36.07
N GLU C 8 -31.61 5.51 37.21
CA GLU C 8 -30.29 4.92 37.41
C GLU C 8 -30.17 3.64 36.58
N GLU C 9 -31.25 2.84 36.48
CA GLU C 9 -31.28 1.60 35.68
C GLU C 9 -31.28 1.98 34.19
N GLU C 10 -32.00 3.03 33.80
CA GLU C 10 -32.01 3.53 32.44
C GLU C 10 -30.61 4.06 32.05
N ARG C 11 -29.93 4.75 32.97
CA ARG C 11 -28.56 5.22 32.79
C ARG C 11 -27.63 4.02 32.56
N ARG C 12 -27.75 2.99 33.40
CA ARG C 12 -26.93 1.76 33.27
C ARG C 12 -27.15 1.12 31.89
N GLU C 13 -28.39 1.05 31.45
CA GLU C 13 -28.72 0.41 30.16
C GLU C 13 -28.13 1.25 29.02
N HIS C 14 -28.20 2.58 29.14
CA HIS C 14 -27.62 3.49 28.14
C HIS C 14 -26.11 3.30 27.99
N VAL C 15 -25.38 3.20 29.12
CA VAL C 15 -23.92 2.97 29.12
C VAL C 15 -23.57 1.68 28.36
N ALA C 16 -24.28 0.60 28.64
CA ALA C 16 -24.09 -0.68 27.96
C ALA C 16 -24.45 -0.58 26.47
N LYS C 17 -25.52 0.18 26.13
CA LYS C 17 -25.94 0.39 24.74
C LYS C 17 -24.86 1.10 23.91
N MET C 18 -24.28 2.18 24.45
CA MET C 18 -23.25 2.92 23.73
C MET C 18 -22.01 2.06 23.49
N LYS C 19 -21.68 1.17 24.42
CA LYS C 19 -20.54 0.27 24.26
C LYS C 19 -20.76 -0.65 23.09
N LYS C 20 -21.92 -1.32 23.03
CA LYS C 20 -22.26 -2.24 21.95
C LYS C 20 -22.36 -1.54 20.60
N MET C 21 -23.02 -0.36 20.56
CA MET C 21 -23.19 0.44 19.35
C MET C 21 -21.82 0.79 18.76
N GLU C 22 -20.92 1.37 19.54
CA GLU C 22 -19.60 1.76 19.09
C GLU C 22 -18.80 0.57 18.56
N MET C 23 -18.86 -0.55 19.26
CA MET C 23 -18.14 -1.76 18.89
C MET C 23 -18.64 -2.29 17.54
N GLU C 24 -19.97 -2.39 17.38
CA GLU C 24 -20.61 -2.87 16.16
C GLU C 24 -20.43 -1.91 15.00
N MET C 25 -20.54 -0.59 15.24
CA MET C 25 -20.32 0.41 14.19
C MET C 25 -18.89 0.34 13.67
N GLU C 26 -17.92 0.03 14.58
CA GLU C 26 -16.51 -0.13 14.21
C GLU C 26 -16.34 -1.33 13.29
N GLN C 27 -17.04 -2.43 13.57
CA GLN C 27 -17.00 -3.62 12.71
C GLN C 27 -17.57 -3.33 11.31
N VAL C 28 -18.65 -2.53 11.21
CA VAL C 28 -19.23 -2.16 9.93
C VAL C 28 -18.29 -1.25 9.15
N PHE C 29 -17.66 -0.30 9.85
CA PHE C 29 -16.72 0.64 9.20
C PHE C 29 -15.49 -0.10 8.66
N GLU C 30 -14.97 -1.08 9.39
CA GLU C 30 -13.82 -1.85 8.94
C GLU C 30 -14.13 -2.66 7.66
N MET C 31 -15.33 -3.26 7.60
CA MET C 31 -15.76 -4.01 6.43
C MET C 31 -15.98 -3.04 5.26
N LYS C 32 -16.44 -1.80 5.54
CA LYS C 32 -16.65 -0.75 4.53
C LYS C 32 -15.31 -0.32 3.91
N VAL C 33 -14.29 -0.08 4.74
CA VAL C 33 -12.94 0.28 4.26
C VAL C 33 -12.36 -0.90 3.48
N LYS C 34 -12.57 -2.14 3.95
CA LYS C 34 -12.10 -3.36 3.28
C LYS C 34 -12.73 -3.49 1.87
N GLU C 35 -13.97 -3.01 1.68
CA GLU C 35 -14.62 -3.06 0.36
C GLU C 35 -14.06 -1.96 -0.55
N LYS C 36 -13.80 -0.77 0.02
CA LYS C 36 -13.28 0.33 -0.76
C LYS C 36 -11.87 0.09 -1.25
N VAL C 37 -11.05 -0.60 -0.44
CA VAL C 37 -9.67 -0.97 -0.77
C VAL C 37 -9.69 -1.97 -1.93
N GLN C 38 -10.60 -2.94 -1.88
CA GLN C 38 -10.71 -3.94 -2.94
C GLN C 38 -11.23 -3.33 -4.23
N LYS C 39 -12.13 -2.35 -4.16
CA LYS C 39 -12.64 -1.68 -5.36
C LYS C 39 -11.48 -0.90 -6.03
N LEU C 40 -10.65 -0.24 -5.24
CA LEU C 40 -9.52 0.54 -5.76
C LEU C 40 -8.47 -0.36 -6.40
N LYS C 41 -8.21 -1.54 -5.80
CA LYS C 41 -7.25 -2.51 -6.35
C LYS C 41 -7.75 -3.02 -7.71
N ASP C 42 -9.06 -3.27 -7.83
CA ASP C 42 -9.71 -3.74 -9.04
C ASP C 42 -9.61 -2.72 -10.15
N SER C 43 -9.78 -1.46 -9.79
CA SER C 43 -9.73 -0.36 -10.74
C SER C 43 -8.33 -0.25 -11.38
N GLU C 44 -7.26 -0.26 -10.56
CA GLU C 44 -5.87 -0.24 -11.02
C GLU C 44 -5.55 -1.47 -11.88
N ALA C 45 -6.02 -2.66 -11.45
CA ALA C 45 -5.81 -3.90 -12.18
C ALA C 45 -6.44 -3.87 -13.58
N GLU C 46 -7.65 -3.28 -13.71
CA GLU C 46 -8.35 -3.17 -14.98
C GLU C 46 -7.64 -2.19 -15.91
N LEU C 47 -7.21 -1.06 -15.39
CA LEU C 47 -6.51 -0.06 -16.17
C LEU C 47 -5.14 -0.59 -16.62
N GLN C 48 -4.44 -1.36 -15.77
CA GLN C 48 -3.15 -1.92 -16.15
C GLN C 48 -3.32 -3.04 -17.19
N ARG C 49 -4.44 -3.80 -17.13
CA ARG C 49 -4.77 -4.82 -18.12
C ARG C 49 -5.01 -4.14 -19.49
N ARG C 50 -5.82 -3.08 -19.52
CA ARG C 50 -6.08 -2.31 -20.74
C ARG C 50 -4.77 -1.74 -21.30
N HIS C 51 -3.92 -1.15 -20.45
CA HIS C 51 -2.63 -0.62 -20.90
C HIS C 51 -1.69 -1.72 -21.48
N GLU C 52 -1.67 -2.91 -20.88
CA GLU C 52 -0.84 -3.99 -21.37
C GLU C 52 -1.35 -4.48 -22.70
N GLN C 53 -2.68 -4.56 -22.87
CA GLN C 53 -3.26 -5.02 -24.12
C GLN C 53 -2.91 -4.09 -25.28
N MET C 54 -3.08 -2.79 -25.08
CA MET C 54 -2.79 -1.77 -26.09
C MET C 54 -1.28 -1.73 -26.37
N LYS C 55 -0.45 -1.93 -25.34
CA LYS C 55 1.00 -1.95 -25.48
C LYS C 55 1.41 -3.13 -26.36
N LYS C 56 0.82 -4.32 -26.11
CA LYS C 56 1.14 -5.48 -26.92
C LYS C 56 0.59 -5.35 -28.34
N ASN C 57 -0.56 -4.71 -28.51
CA ASN C 57 -1.12 -4.44 -29.83
C ASN C 57 -0.22 -3.48 -30.62
N LEU C 58 0.35 -2.47 -29.97
CA LEU C 58 1.22 -1.52 -30.66
C LEU C 58 2.52 -2.18 -31.07
N GLU C 59 3.04 -3.09 -30.25
CA GLU C 59 4.28 -3.83 -30.58
C GLU C 59 4.07 -4.67 -31.83
N ALA C 60 2.90 -5.31 -31.95
CA ALA C 60 2.55 -6.14 -33.11
C ALA C 60 2.41 -5.28 -34.38
N GLN C 61 1.84 -4.11 -34.24
CA GLN C 61 1.63 -3.19 -35.34
C GLN C 61 2.95 -2.65 -35.88
N HIS C 62 3.89 -2.31 -34.97
CA HIS C 62 5.23 -1.87 -35.31
C HIS C 62 5.99 -3.00 -36.00
N LYS C 63 5.90 -4.24 -35.49
CA LYS C 63 6.63 -5.37 -36.05
C LYS C 63 6.19 -5.67 -37.48
N GLU C 64 4.89 -5.64 -37.72
CA GLU C 64 4.31 -5.89 -39.05
C GLU C 64 4.76 -4.83 -40.06
N LEU C 65 4.85 -3.59 -39.61
CA LEU C 65 5.31 -2.50 -40.48
C LEU C 65 6.78 -2.65 -40.77
N GLU C 66 7.57 -2.95 -39.74
CA GLU C 66 9.00 -3.12 -39.90
C GLU C 66 9.33 -4.23 -40.90
N GLU C 67 8.57 -5.33 -40.83
CA GLU C 67 8.68 -6.47 -41.74
C GLU C 67 8.36 -6.10 -43.18
N LYS C 68 7.29 -5.35 -43.39
CA LYS C 68 6.91 -4.94 -44.75
C LYS C 68 7.95 -3.97 -45.33
N ARG C 69 8.50 -3.09 -44.51
CA ARG C 69 9.51 -2.13 -44.99
C ARG C 69 10.84 -2.84 -45.31
N ARG C 70 11.20 -3.82 -44.49
CA ARG C 70 12.44 -4.57 -44.65
C ARG C 70 12.39 -5.33 -45.99
N GLN C 71 11.27 -5.99 -46.29
CA GLN C 71 11.11 -6.75 -47.52
C GLN C 71 11.04 -5.83 -48.76
N PHE C 72 10.45 -4.64 -48.60
CA PHE C 72 10.39 -3.65 -49.68
C PHE C 72 11.78 -3.10 -50.01
N GLU C 73 12.59 -2.83 -49.01
CA GLU C 73 13.94 -2.32 -49.24
C GLU C 73 14.84 -3.38 -49.88
N ASP C 74 14.68 -4.62 -49.46
CA ASP C 74 15.42 -5.76 -49.99
C ASP C 74 15.03 -5.96 -51.48
N GLU C 75 13.73 -5.85 -51.82
CA GLU C 75 13.30 -6.07 -53.21
C GLU C 75 13.75 -4.93 -54.13
N LYS C 76 13.78 -3.69 -53.62
CA LYS C 76 14.22 -2.51 -54.34
C LYS C 76 15.73 -2.58 -54.63
N ALA C 77 16.54 -2.99 -53.64
CA ALA C 77 17.99 -3.10 -53.83
C ALA C 77 18.34 -4.24 -54.78
N ASN C 78 17.56 -5.33 -54.76
CA ASN C 78 17.74 -6.45 -55.66
C ASN C 78 17.48 -5.99 -57.10
N TRP C 79 16.39 -5.24 -57.28
CA TRP C 79 15.98 -4.68 -58.57
CA TRP C 79 16.01 -4.71 -58.59
C TRP C 79 17.09 -3.78 -59.14
N GLU C 80 17.58 -2.85 -58.32
CA GLU C 80 18.63 -1.91 -58.70
C GLU C 80 19.88 -2.63 -59.20
N ALA C 81 20.36 -3.64 -58.46
CA ALA C 81 21.53 -4.43 -58.85
C ALA C 81 21.28 -5.19 -60.15
N GLN C 82 20.04 -5.56 -60.42
CA GLN C 82 19.69 -6.27 -61.64
C GLN C 82 19.58 -5.34 -62.84
N GLN C 83 19.36 -4.05 -62.63
CA GLN C 83 19.23 -3.05 -63.70
C GLN C 83 20.57 -2.46 -64.13
N ARG C 84 21.70 -2.92 -63.58
CA ARG C 84 23.00 -2.39 -64.01
C ARG C 84 23.27 -2.95 -65.41
N ILE C 85 23.25 -2.08 -66.41
CA ILE C 85 23.48 -2.45 -67.80
C ILE C 85 24.96 -2.74 -68.09
N LEU C 86 25.87 -2.07 -67.36
CA LEU C 86 27.31 -2.21 -67.50
C LEU C 86 27.98 -2.21 -66.14
N HIS D 3 -18.39 13.86 80.38
CA HIS D 3 -17.89 12.57 80.84
C HIS D 3 -16.38 12.39 80.57
N MET D 4 -15.50 12.82 81.49
CA MET D 4 -14.04 12.76 81.27
C MET D 4 -13.42 11.36 81.12
N ALA D 5 -13.84 10.33 81.87
CA ALA D 5 -13.27 8.98 81.68
C ALA D 5 -13.60 8.47 80.27
N GLN D 6 -14.86 8.64 79.82
CA GLN D 6 -15.23 8.26 78.46
C GLN D 6 -14.55 9.14 77.42
N MET D 7 -14.30 10.43 77.74
CA MET D 7 -13.55 11.28 76.80
C MET D 7 -12.08 10.81 76.69
N GLU D 8 -11.51 10.20 77.77
CA GLU D 8 -10.14 9.67 77.68
C GLU D 8 -10.07 8.35 76.91
N GLU D 9 -11.13 7.53 76.99
CA GLU D 9 -11.18 6.31 76.19
C GLU D 9 -11.35 6.68 74.70
N GLU D 10 -12.11 7.76 74.40
CA GLU D 10 -12.25 8.25 73.03
C GLU D 10 -10.89 8.79 72.57
N ARG D 11 -10.18 9.56 73.44
CA ARG D 11 -8.86 10.08 73.13
C ARG D 11 -7.89 8.94 72.79
N ARG D 12 -7.84 7.90 73.62
CA ARG D 12 -6.98 6.75 73.43
C ARG D 12 -7.30 6.02 72.13
N GLU D 13 -8.61 5.94 71.77
CA GLU D 13 -8.99 5.26 70.52
C GLU D 13 -8.63 6.13 69.30
N HIS D 14 -8.74 7.46 69.42
CA HIS D 14 -8.40 8.43 68.38
C HIS D 14 -6.89 8.34 68.14
N VAL D 15 -6.09 8.29 69.21
CA VAL D 15 -4.63 8.19 69.07
C VAL D 15 -4.22 6.91 68.29
N ALA D 16 -4.89 5.78 68.57
CA ALA D 16 -4.57 4.53 67.87
C ALA D 16 -5.07 4.52 66.42
N LYS D 17 -6.18 5.21 66.13
CA LYS D 17 -6.76 5.30 64.79
C LYS D 17 -5.83 6.15 63.89
N MET D 18 -5.36 7.29 64.42
CA MET D 18 -4.50 8.19 63.70
C MET D 18 -3.19 7.56 63.34
N LYS D 19 -2.61 6.75 64.25
CA LYS D 19 -1.35 6.04 64.04
C LYS D 19 -1.51 4.99 62.91
N LYS D 20 -2.64 4.27 62.94
CA LYS D 20 -2.97 3.29 61.93
C LYS D 20 -3.22 3.96 60.57
N MET D 21 -3.87 5.14 60.59
CA MET D 21 -4.14 5.92 59.39
C MET D 21 -2.83 6.35 58.74
N GLU D 22 -1.87 6.83 59.55
CA GLU D 22 -0.57 7.25 59.05
C GLU D 22 0.23 6.07 58.47
N MET D 23 0.05 4.87 59.01
CA MET D 23 0.73 3.67 58.54
CA MET D 23 0.75 3.66 58.47
C MET D 23 0.18 3.24 57.11
N GLU D 24 -1.15 3.31 57.00
CA GLU D 24 -1.84 2.98 55.74
C GLU D 24 -1.48 4.01 54.66
N MET D 25 -1.38 5.28 55.05
CA MET D 25 -0.98 6.34 54.12
C MET D 25 0.45 6.16 53.67
N GLU D 26 1.34 5.75 54.57
CA GLU D 26 2.74 5.51 54.24
C GLU D 26 2.85 4.38 53.20
N GLN D 27 2.03 3.33 53.37
CA GLN D 27 2.04 2.20 52.46
C GLN D 27 1.49 2.60 51.10
N VAL D 28 0.40 3.37 51.07
CA VAL D 28 -0.20 3.87 49.84
C VAL D 28 0.82 4.74 49.08
N PHE D 29 1.46 5.67 49.80
CA PHE D 29 2.45 6.58 49.25
C PHE D 29 3.63 5.87 48.68
N GLU D 30 4.23 4.92 49.40
CA GLU D 30 5.40 4.16 48.90
C GLU D 30 5.06 3.37 47.63
N MET D 31 3.86 2.80 47.58
CA MET D 31 3.39 2.08 46.41
C MET D 31 3.23 3.07 45.24
N LYS D 32 2.69 4.25 45.51
CA LYS D 32 2.54 5.33 44.52
C LYS D 32 3.90 5.77 43.95
N VAL D 33 4.91 5.95 44.81
CA VAL D 33 6.27 6.32 44.38
C VAL D 33 6.90 5.18 43.57
N LYS D 34 6.66 3.93 43.99
CA LYS D 34 7.13 2.74 43.31
C LYS D 34 6.55 2.69 41.91
N GLU D 35 5.27 3.08 41.72
CA GLU D 35 4.67 3.09 40.39
C GLU D 35 5.25 4.20 39.51
N LYS D 36 5.48 5.38 40.07
CA LYS D 36 5.99 6.51 39.30
C LYS D 36 7.45 6.27 38.85
N VAL D 37 8.27 5.75 39.76
CA VAL D 37 9.66 5.40 39.44
C VAL D 37 9.71 4.33 38.33
N GLN D 38 8.91 3.26 38.47
CA GLN D 38 8.85 2.23 37.45
C GLN D 38 8.39 2.77 36.10
N LYS D 39 7.38 3.64 36.11
CA LYS D 39 6.86 4.21 34.89
C LYS D 39 7.88 5.12 34.16
N LEU D 40 8.70 5.86 34.92
CA LEU D 40 9.74 6.74 34.37
C LEU D 40 10.91 5.89 33.82
N LYS D 41 11.22 4.75 34.47
CA LYS D 41 12.26 3.79 34.08
C LYS D 41 11.86 3.10 32.76
N ASP D 42 10.62 2.62 32.67
CA ASP D 42 10.07 1.97 31.47
C ASP D 42 9.94 2.96 30.30
N SER D 43 9.61 4.21 30.60
CA SER D 43 9.50 5.29 29.60
C SER D 43 10.87 5.54 28.97
N GLU D 44 11.91 5.72 29.80
CA GLU D 44 13.28 5.97 29.37
C GLU D 44 13.81 4.80 28.57
N ALA D 45 13.56 3.58 29.05
CA ALA D 45 13.95 2.35 28.35
C ALA D 45 13.31 2.21 26.96
N GLU D 46 12.04 2.60 26.81
CA GLU D 46 11.32 2.52 25.54
C GLU D 46 11.83 3.56 24.53
N LEU D 47 12.19 4.74 25.04
CA LEU D 47 12.72 5.79 24.20
C LEU D 47 14.16 5.44 23.78
N GLN D 48 14.95 4.83 24.67
CA GLN D 48 16.31 4.40 24.35
C GLN D 48 16.29 3.23 23.36
N ARG D 49 15.29 2.35 23.47
CA ARG D 49 15.17 1.20 22.55
C ARG D 49 14.84 1.72 21.15
N ARG D 50 13.83 2.58 21.07
CA ARG D 50 13.37 3.16 19.80
C ARG D 50 14.50 3.97 19.16
N HIS D 51 15.23 4.74 19.97
CA HIS D 51 16.33 5.53 19.47
C HIS D 51 17.44 4.62 18.88
N GLU D 52 17.79 3.53 19.61
CA GLU D 52 18.84 2.58 19.19
C GLU D 52 18.49 1.86 17.88
N GLN D 53 17.20 1.57 17.72
CA GLN D 53 16.64 0.93 16.55
C GLN D 53 16.78 1.86 15.34
N MET D 54 16.46 3.17 15.50
CA MET D 54 16.63 4.11 14.40
C MET D 54 18.13 4.33 14.06
N LYS D 55 19.02 4.28 15.04
CA LYS D 55 20.49 4.36 14.89
C LYS D 55 20.98 3.17 14.06
N LYS D 56 20.49 1.96 14.36
CA LYS D 56 20.86 0.76 13.62
C LYS D 56 20.34 0.87 12.19
N ASN D 57 19.11 1.40 12.01
CA ASN D 57 18.47 1.55 10.70
C ASN D 57 19.17 2.55 9.78
N LEU D 58 19.47 3.73 10.28
CA LEU D 58 20.22 4.75 9.55
C LEU D 58 21.62 4.25 9.20
N GLU D 59 22.22 3.38 10.05
CA GLU D 59 23.54 2.85 9.75
C GLU D 59 23.43 1.93 8.54
N ALA D 60 22.41 1.04 8.51
CA ALA D 60 22.19 0.17 7.35
C ALA D 60 21.86 0.98 6.06
N GLN D 61 21.07 2.06 6.17
CA GLN D 61 20.77 2.89 5.00
C GLN D 61 22.03 3.60 4.49
N HIS D 62 22.89 4.04 5.42
CA HIS D 62 24.15 4.66 5.03
C HIS D 62 25.05 3.66 4.28
N LYS D 63 25.12 2.43 4.76
CA LYS D 63 25.95 1.37 4.13
C LYS D 63 25.42 1.01 2.73
N GLU D 64 24.11 1.00 2.53
CA GLU D 64 23.52 0.64 1.22
C GLU D 64 23.85 1.75 0.22
N LEU D 65 23.66 2.98 0.63
CA LEU D 65 23.97 4.13 -0.24
C LEU D 65 25.46 4.10 -0.61
N GLU D 66 26.34 3.89 0.35
CA GLU D 66 27.80 3.86 0.12
C GLU D 66 28.13 2.73 -0.86
N GLU D 67 27.45 1.61 -0.72
CA GLU D 67 27.68 0.48 -1.59
C GLU D 67 27.18 0.83 -3.03
N LYS D 68 26.03 1.50 -3.13
CA LYS D 68 25.49 1.95 -4.41
C LYS D 68 26.41 2.97 -5.03
N ARG D 69 26.89 3.92 -4.25
CA ARG D 69 27.82 4.97 -4.73
C ARG D 69 29.13 4.34 -5.24
N ARG D 70 29.61 3.34 -4.50
CA ARG D 70 30.85 2.65 -4.88
C ARG D 70 30.69 1.93 -6.23
N GLN D 71 29.59 1.22 -6.43
CA GLN D 71 29.37 0.49 -7.68
C GLN D 71 29.24 1.42 -8.86
N PHE D 72 28.56 2.55 -8.65
CA PHE D 72 28.40 3.53 -9.72
C PHE D 72 29.78 4.15 -10.07
N GLU D 73 30.59 4.52 -9.06
CA GLU D 73 31.90 5.14 -9.34
C GLU D 73 32.86 4.19 -10.07
N ASP D 74 32.69 2.88 -9.84
CA ASP D 74 33.50 1.84 -10.44
C ASP D 74 33.13 1.74 -11.94
N GLU D 75 31.83 1.75 -12.24
CA GLU D 75 31.36 1.62 -13.60
C GLU D 75 31.60 2.93 -14.40
N LYS D 76 31.55 4.08 -13.72
CA LYS D 76 31.82 5.36 -14.34
C LYS D 76 33.33 5.42 -14.71
N ALA D 77 34.23 4.99 -13.79
CA ALA D 77 35.67 4.99 -14.06
C ALA D 77 36.00 4.03 -15.20
N ASN D 78 35.33 2.86 -15.22
CA ASN D 78 35.54 1.86 -16.27
C ASN D 78 35.14 2.41 -17.61
N TRP D 79 33.98 3.11 -17.66
CA TRP D 79 33.52 3.67 -18.92
CA TRP D 79 33.49 3.72 -18.89
C TRP D 79 34.48 4.77 -19.39
N GLU D 80 34.92 5.66 -18.49
CA GLU D 80 35.85 6.71 -18.88
C GLU D 80 37.18 6.16 -19.42
N ALA D 81 37.76 5.12 -18.77
CA ALA D 81 39.00 4.52 -19.29
C ALA D 81 38.76 3.88 -20.67
N GLN D 82 37.59 3.22 -20.86
CA GLN D 82 37.26 2.61 -22.16
C GLN D 82 37.10 3.65 -23.27
N GLN D 83 36.74 4.88 -22.96
CA GLN D 83 36.56 5.92 -23.98
C GLN D 83 37.87 6.58 -24.42
N ARG D 84 38.99 6.34 -23.72
CA ARG D 84 40.28 6.93 -24.11
C ARG D 84 40.67 6.49 -25.54
N ILE D 85 41.31 7.38 -26.31
CA ILE D 85 41.62 7.10 -27.72
C ILE D 85 42.51 5.85 -27.85
N LEU D 86 43.53 5.70 -26.98
CA LEU D 86 44.41 4.53 -27.04
C LEU D 86 43.70 3.20 -26.68
N GLU D 87 42.59 3.27 -25.94
CA GLU D 87 41.84 2.06 -25.55
C GLU D 87 40.74 1.67 -26.55
N GLN D 88 40.54 2.49 -27.58
CA GLN D 88 39.51 2.25 -28.56
C GLN D 88 39.99 1.37 -29.68
#